data_5UQZ
#
_entry.id   5UQZ
#
_cell.length_a   213.098
_cell.length_b   48.596
_cell.length_c   40.775
_cell.angle_alpha   90.000
_cell.angle_beta   96.290
_cell.angle_gamma   90.000
#
_symmetry.space_group_name_H-M   'C 1 2 1'
#
loop_
_entity.id
_entity.type
_entity.pdbx_description
1 polymer 'Glucan-binding protein C, GbpC'
2 non-polymer 'CALCIUM ION'
3 water water
#
_entity_poly.entity_id   1
_entity_poly.type   'polypeptide(L)'
_entity_poly.pdbx_seq_one_letter_code
;NTAVADYQKAKAEFPQKQEQYNKDFEKYQSDVKEYEAQKAAYEQYKKEVAQGLASGRVEKAQGLVFINEPEAKLSIEGVN
QYLTKEARQKHATEDILQQYNTDNYTASDFTQANPYDPKEDTWFKMKVGDQISVTYDNIVNSKYNDKKISKVKINYTLNS
STNNEGSALVNLFHDPTKTIFIGAQTSNAGRNDKISVTMQIIFYDENGNEIDLSGNNAIMSLSSLNHWTTKYGDHVEKVN
LGDNEFVKIPGSSVDLHGNEIYSAKDNQYKANGATFNGDGADGWDAVNADGTPRAATAYYGAGAMTYKGEPFTFTVGGND
QNLPTTIWFATNSAVAVPKDPGAKPTPPEKPELK
;
_entity_poly.pdbx_strand_id   A
#
loop_
_chem_comp.id
_chem_comp.type
_chem_comp.name
_chem_comp.formula
CA non-polymer 'CALCIUM ION' 'Ca 2'
#
# COMPACT_ATOMS: atom_id res chain seq x y z
N ASN A 1 -14.38 -0.72 -59.76
CA ASN A 1 -13.62 -1.97 -59.67
C ASN A 1 -12.31 -1.83 -58.90
N THR A 2 -12.27 -2.35 -57.67
CA THR A 2 -11.06 -2.36 -56.85
C THR A 2 -10.69 -3.77 -56.40
N ALA A 3 -11.13 -4.78 -57.14
CA ALA A 3 -10.99 -6.17 -56.71
C ALA A 3 -9.53 -6.57 -56.48
N VAL A 4 -8.65 -6.21 -57.43
CA VAL A 4 -7.24 -6.61 -57.31
C VAL A 4 -6.60 -5.98 -56.09
N ALA A 5 -6.77 -4.65 -55.94
CA ALA A 5 -6.16 -3.97 -54.82
C ALA A 5 -6.68 -4.51 -53.50
N ASP A 6 -7.99 -4.74 -53.41
CA ASP A 6 -8.58 -5.24 -52.17
C ASP A 6 -8.12 -6.65 -51.85
N TYR A 7 -8.10 -7.53 -52.86
CA TYR A 7 -7.60 -8.89 -52.66
C TYR A 7 -6.14 -8.87 -52.20
N GLN A 8 -5.29 -8.06 -52.87
CA GLN A 8 -3.88 -8.07 -52.52
C GLN A 8 -3.64 -7.51 -51.13
N LYS A 9 -4.40 -6.47 -50.74
CA LYS A 9 -4.28 -5.94 -49.39
C LYS A 9 -4.71 -6.96 -48.36
N ALA A 10 -5.86 -7.62 -48.57
CA ALA A 10 -6.29 -8.57 -47.57
C ALA A 10 -5.29 -9.70 -47.44
N LYS A 11 -4.73 -10.17 -48.55
CA LYS A 11 -3.77 -11.25 -48.49
C LYS A 11 -2.49 -10.82 -47.78
N ALA A 12 -1.99 -9.63 -48.12
CA ALA A 12 -0.74 -9.16 -47.52
C ALA A 12 -0.86 -8.96 -46.02
N GLU A 13 -2.02 -8.53 -45.53
CA GLU A 13 -2.22 -8.18 -44.14
C GLU A 13 -2.62 -9.37 -43.28
N PHE A 14 -2.97 -10.49 -43.90
CA PHE A 14 -3.49 -11.61 -43.13
C PHE A 14 -2.53 -12.15 -42.09
N PRO A 15 -1.24 -12.34 -42.37
CA PRO A 15 -0.35 -12.85 -41.33
C PRO A 15 -0.32 -11.95 -40.11
N GLN A 16 -0.25 -10.63 -40.31
CA GLN A 16 -0.29 -9.72 -39.17
CA GLN A 16 -0.29 -9.72 -39.17
C GLN A 16 -1.61 -9.80 -38.41
N LYS A 17 -2.74 -9.88 -39.14
CA LYS A 17 -4.04 -10.00 -38.47
C LYS A 17 -4.10 -11.27 -37.62
N GLN A 18 -3.52 -12.37 -38.11
CA GLN A 18 -3.51 -13.61 -37.33
C GLN A 18 -2.61 -13.47 -36.12
N GLU A 19 -1.46 -12.80 -36.26
CA GLU A 19 -0.61 -12.61 -35.09
C GLU A 19 -1.29 -11.74 -34.05
N GLN A 20 -1.96 -10.68 -34.50
CA GLN A 20 -2.68 -9.86 -33.54
C GLN A 20 -3.80 -10.64 -32.87
N TYR A 21 -4.50 -11.48 -33.64
CA TYR A 21 -5.54 -12.33 -33.05
C TYR A 21 -4.97 -13.25 -31.96
N ASN A 22 -3.82 -13.87 -32.22
CA ASN A 22 -3.26 -14.74 -31.20
C ASN A 22 -2.98 -13.96 -29.93
N LYS A 23 -2.41 -12.75 -30.05
CA LYS A 23 -2.16 -11.93 -28.87
C LYS A 23 -3.47 -11.55 -28.18
N ASP A 24 -4.47 -11.15 -28.95
CA ASP A 24 -5.75 -10.76 -28.37
C ASP A 24 -6.45 -11.93 -27.73
N PHE A 25 -6.28 -13.13 -28.27
CA PHE A 25 -6.93 -14.30 -27.70
C PHE A 25 -6.26 -14.71 -26.38
N GLU A 26 -4.93 -14.69 -26.35
N GLU A 26 -4.92 -14.71 -26.35
CA GLU A 26 -4.22 -14.93 -25.11
CA GLU A 26 -4.24 -14.94 -25.08
C GLU A 26 -4.62 -13.92 -24.05
C GLU A 26 -4.67 -13.92 -24.04
N LYS A 27 -4.79 -12.65 -24.45
CA LYS A 27 -5.19 -11.61 -23.50
C LYS A 27 -6.60 -11.88 -23.00
N TYR A 28 -7.48 -12.32 -23.89
CA TYR A 28 -8.83 -12.68 -23.49
C TYR A 28 -8.83 -13.82 -22.47
N GLN A 29 -8.04 -14.88 -22.70
CA GLN A 29 -7.98 -15.98 -21.73
C GLN A 29 -7.52 -15.46 -20.37
N SER A 30 -6.50 -14.60 -20.35
CA SER A 30 -6.00 -14.03 -19.10
C SER A 30 -7.08 -13.16 -18.46
N ASP A 31 -7.73 -12.32 -19.26
CA ASP A 31 -8.77 -11.43 -18.75
C ASP A 31 -9.95 -12.21 -18.16
N VAL A 32 -10.33 -13.34 -18.76
CA VAL A 32 -11.44 -14.12 -18.23
C VAL A 32 -11.11 -14.61 -16.84
N LYS A 33 -9.87 -15.07 -16.63
CA LYS A 33 -9.52 -15.55 -15.31
C LYS A 33 -9.54 -14.42 -14.29
N GLU A 34 -9.05 -13.24 -14.68
CA GLU A 34 -9.08 -12.13 -13.75
C GLU A 34 -10.50 -11.72 -13.45
N TYR A 35 -11.35 -11.68 -14.48
CA TYR A 35 -12.75 -11.32 -14.31
C TYR A 35 -13.44 -12.28 -13.36
N GLU A 36 -13.23 -13.59 -13.55
CA GLU A 36 -13.91 -14.54 -12.69
C GLU A 36 -13.48 -14.37 -11.24
N ALA A 37 -12.19 -14.09 -11.00
CA ALA A 37 -11.76 -13.87 -9.62
C ALA A 37 -12.37 -12.59 -9.04
N GLN A 38 -12.38 -11.51 -9.82
CA GLN A 38 -12.96 -10.26 -9.32
C GLN A 38 -14.44 -10.40 -9.09
N LYS A 39 -15.13 -11.08 -10.02
CA LYS A 39 -16.57 -11.23 -9.87
C LYS A 39 -16.91 -12.05 -8.62
N ALA A 40 -16.17 -13.15 -8.38
CA ALA A 40 -16.43 -13.96 -7.20
C ALA A 40 -16.22 -13.16 -5.93
N ALA A 41 -15.12 -12.39 -5.86
CA ALA A 41 -14.86 -11.59 -4.67
C ALA A 41 -15.95 -10.52 -4.47
N TYR A 42 -16.36 -9.85 -5.57
CA TYR A 42 -17.41 -8.84 -5.50
C TYR A 42 -18.73 -9.43 -5.03
N GLU A 43 -19.10 -10.59 -5.57
CA GLU A 43 -20.36 -11.17 -5.16
C GLU A 43 -20.30 -11.58 -3.70
N GLN A 44 -19.16 -12.12 -3.26
CA GLN A 44 -19.04 -12.46 -1.84
CA GLN A 44 -19.03 -12.45 -1.84
C GLN A 44 -19.14 -11.22 -0.96
N TYR A 45 -18.46 -10.13 -1.34
CA TYR A 45 -18.55 -8.92 -0.55
C TYR A 45 -19.99 -8.39 -0.48
N LYS A 46 -20.70 -8.40 -1.61
CA LYS A 46 -22.09 -7.95 -1.57
C LYS A 46 -22.91 -8.80 -0.63
N LYS A 47 -22.70 -10.12 -0.62
CA LYS A 47 -23.44 -11.00 0.29
C LYS A 47 -23.08 -10.70 1.74
N GLU A 48 -21.79 -10.46 2.04
CA GLU A 48 -21.37 -10.16 3.41
C GLU A 48 -22.02 -8.88 3.91
N VAL A 49 -22.10 -7.87 3.05
CA VAL A 49 -22.76 -6.61 3.41
C VAL A 49 -24.26 -6.84 3.62
N ALA A 50 -24.91 -7.57 2.70
CA ALA A 50 -26.36 -7.74 2.80
C ALA A 50 -26.73 -8.58 4.01
N GLN A 51 -25.99 -9.63 4.29
CA GLN A 51 -26.37 -10.58 5.32
C GLN A 51 -25.83 -10.23 6.69
N GLY A 52 -24.98 -9.22 6.76
CA GLY A 52 -24.42 -8.87 8.04
C GLY A 52 -23.38 -9.86 8.50
N LEU A 53 -22.51 -10.31 7.59
CA LEU A 53 -21.37 -11.11 7.98
C LEU A 53 -20.24 -10.19 8.40
N ALA A 54 -19.22 -10.76 9.05
CA ALA A 54 -18.17 -9.94 9.68
C ALA A 54 -17.54 -8.93 8.72
N SER A 55 -17.18 -9.38 7.49
CA SER A 55 -16.55 -8.45 6.54
CA SER A 55 -16.55 -8.44 6.54
C SER A 55 -17.50 -7.35 6.03
N GLY A 56 -18.80 -7.53 6.18
CA GLY A 56 -19.72 -6.46 5.89
C GLY A 56 -19.54 -5.25 6.77
N ARG A 57 -18.80 -5.38 7.88
CA ARG A 57 -18.56 -4.23 8.73
C ARG A 57 -17.81 -3.12 8.02
N VAL A 58 -17.08 -3.41 6.94
CA VAL A 58 -16.41 -2.31 6.22
C VAL A 58 -17.41 -1.25 5.80
N GLU A 59 -18.58 -1.69 5.31
CA GLU A 59 -19.64 -0.77 4.94
CA GLU A 59 -19.63 -0.76 4.95
C GLU A 59 -20.55 -0.45 6.13
N LYS A 60 -20.93 -1.46 6.90
CA LYS A 60 -22.00 -1.27 7.87
C LYS A 60 -21.54 -0.56 9.14
N ALA A 61 -20.27 -0.73 9.51
CA ALA A 61 -19.84 -0.24 10.81
C ALA A 61 -18.99 1.01 10.69
N GLN A 62 -18.65 1.44 9.48
CA GLN A 62 -17.68 2.53 9.34
C GLN A 62 -18.24 3.86 9.82
N GLY A 63 -17.63 4.43 10.84
CA GLY A 63 -17.91 5.78 11.29
C GLY A 63 -16.74 6.73 11.11
N LEU A 64 -15.60 6.22 10.65
CA LEU A 64 -14.41 7.04 10.50
C LEU A 64 -14.33 7.54 9.05
N VAL A 65 -14.13 8.84 8.87
CA VAL A 65 -13.78 9.43 7.60
C VAL A 65 -12.41 10.07 7.81
N PHE A 66 -11.38 9.48 7.21
CA PHE A 66 -10.00 9.89 7.44
C PHE A 66 -9.23 9.45 6.21
N ILE A 67 -9.37 10.23 5.15
CA ILE A 67 -8.87 9.80 3.85
C ILE A 67 -8.02 10.80 3.13
N ASN A 68 -8.24 12.06 3.36
CA ASN A 68 -7.54 13.08 2.57
C ASN A 68 -7.32 14.30 3.45
N GLU A 69 -6.08 14.64 3.80
CA GLU A 69 -5.82 15.82 4.64
C GLU A 69 -4.66 16.58 4.05
N PRO A 70 -4.87 17.22 2.89
CA PRO A 70 -3.76 17.80 2.15
C PRO A 70 -3.28 19.12 2.73
N GLU A 71 -3.95 19.67 3.74
CA GLU A 71 -3.55 20.91 4.38
C GLU A 71 -2.86 20.68 5.71
N ALA A 72 -2.70 19.43 6.12
CA ALA A 72 -2.23 19.18 7.48
C ALA A 72 -0.78 19.63 7.64
N LYS A 73 -0.44 20.01 8.87
CA LYS A 73 0.94 20.38 9.20
C LYS A 73 1.38 19.57 10.41
N LEU A 74 2.70 19.49 10.57
CA LEU A 74 3.35 18.57 11.50
C LEU A 74 4.10 19.26 12.62
N SER A 75 4.09 18.64 13.79
CA SER A 75 4.95 18.97 14.92
C SER A 75 5.55 17.65 15.39
N ILE A 76 6.87 17.59 15.48
CA ILE A 76 7.55 16.31 15.66
C ILE A 76 8.39 16.37 16.94
N GLU A 77 8.26 15.36 17.77
CA GLU A 77 9.06 15.22 18.96
CA GLU A 77 9.04 15.21 18.97
C GLU A 77 9.80 13.89 18.92
N GLY A 78 11.06 13.92 19.35
CA GLY A 78 11.84 12.70 19.51
C GLY A 78 12.77 12.37 18.36
N VAL A 79 12.78 13.13 17.27
CA VAL A 79 13.69 12.88 16.14
C VAL A 79 14.95 13.70 16.38
N ASN A 80 16.11 13.02 16.30
CA ASN A 80 17.38 13.68 16.46
C ASN A 80 18.21 13.79 15.20
N GLN A 81 17.86 13.12 14.11
CA GLN A 81 18.66 13.15 12.88
C GLN A 81 17.75 13.43 11.69
N TYR A 82 17.53 14.69 11.39
CA TYR A 82 16.81 15.07 10.18
C TYR A 82 17.74 15.05 8.98
N LEU A 83 17.20 14.65 7.80
CA LEU A 83 18.00 14.69 6.59
C LEU A 83 18.12 16.14 6.14
N THR A 84 19.34 16.58 5.86
CA THR A 84 19.49 17.96 5.40
C THR A 84 18.81 18.12 4.04
N LYS A 85 18.36 19.34 3.74
CA LYS A 85 17.77 19.55 2.44
C LYS A 85 18.76 19.34 1.32
N GLU A 86 20.04 19.69 1.53
CA GLU A 86 21.04 19.39 0.51
C GLU A 86 21.15 17.91 0.22
N ALA A 87 21.12 17.08 1.27
CA ALA A 87 21.17 15.63 1.03
C ALA A 87 19.90 15.11 0.39
N ARG A 88 18.73 15.61 0.79
CA ARG A 88 17.49 15.25 0.12
C ARG A 88 17.57 15.57 -1.37
N GLN A 89 18.05 16.77 -1.71
CA GLN A 89 18.19 17.16 -3.11
C GLN A 89 19.13 16.21 -3.84
N LYS A 90 20.27 15.89 -3.21
CA LYS A 90 21.27 15.08 -3.91
CA LYS A 90 21.27 15.08 -3.89
C LYS A 90 20.73 13.69 -4.24
N HIS A 91 19.85 13.15 -3.41
CA HIS A 91 19.33 11.81 -3.64
C HIS A 91 18.00 11.79 -4.40
N ALA A 92 17.47 12.93 -4.80
CA ALA A 92 16.12 13.00 -5.34
C ALA A 92 15.99 12.37 -6.72
N THR A 93 17.06 12.27 -7.49
CA THR A 93 16.93 11.73 -8.84
C THR A 93 17.23 10.25 -8.91
N GLU A 94 17.64 9.65 -7.80
CA GLU A 94 18.01 8.24 -7.74
C GLU A 94 16.78 7.36 -7.84
N ASP A 95 17.03 6.08 -8.15
CA ASP A 95 16.03 5.04 -8.01
C ASP A 95 15.55 5.01 -6.55
N ILE A 96 14.28 4.68 -6.35
CA ILE A 96 13.73 4.56 -5.00
C ILE A 96 14.58 3.66 -4.10
N LEU A 97 15.02 2.51 -4.62
CA LEU A 97 15.81 1.64 -3.76
C LEU A 97 17.14 2.27 -3.39
N GLN A 98 17.74 3.02 -4.30
CA GLN A 98 18.98 3.72 -3.94
C GLN A 98 18.71 4.88 -3.00
N GLN A 99 17.58 5.58 -3.17
CA GLN A 99 17.24 6.66 -2.25
C GLN A 99 17.16 6.15 -0.82
N TYR A 100 16.76 4.89 -0.62
CA TYR A 100 16.66 4.32 0.71
C TYR A 100 17.84 3.43 1.03
N ASN A 101 18.90 3.48 0.24
CA ASN A 101 20.11 2.74 0.56
C ASN A 101 20.89 3.53 1.60
N THR A 102 20.73 3.16 2.88
CA THR A 102 21.39 3.89 3.96
C THR A 102 22.91 3.83 3.87
N ASP A 103 23.48 2.92 3.08
CA ASP A 103 24.94 2.95 2.88
C ASP A 103 25.38 4.21 2.16
N ASN A 104 24.46 4.87 1.44
CA ASN A 104 24.81 6.00 0.59
C ASN A 104 24.66 7.35 1.29
N TYR A 105 24.43 7.34 2.59
CA TYR A 105 24.32 8.54 3.40
C TYR A 105 25.38 8.46 4.49
N THR A 106 25.86 9.62 4.90
CA THR A 106 26.86 9.70 5.97
C THR A 106 26.38 10.71 7.00
N ALA A 107 27.12 10.83 8.09
CA ALA A 107 26.69 11.68 9.19
C ALA A 107 26.44 13.12 8.75
N SER A 108 27.27 13.63 7.84
CA SER A 108 27.15 15.00 7.34
C SER A 108 25.86 15.25 6.57
N ASP A 109 25.11 14.21 6.23
CA ASP A 109 23.81 14.35 5.60
C ASP A 109 22.67 14.59 6.58
N PHE A 110 22.95 14.63 7.87
CA PHE A 110 21.90 14.74 8.88
C PHE A 110 22.20 15.89 9.84
N THR A 111 21.15 16.42 10.44
CA THR A 111 21.26 17.49 11.41
C THR A 111 20.24 17.32 12.51
N GLN A 112 20.59 17.74 13.71
CA GLN A 112 19.68 17.68 14.85
C GLN A 112 18.58 18.73 14.78
N ALA A 113 18.79 19.81 14.05
CA ALA A 113 17.81 20.88 13.95
C ALA A 113 16.94 20.67 12.70
N ASN A 114 15.65 20.57 12.90
CA ASN A 114 14.75 20.29 11.78
C ASN A 114 14.80 21.40 10.74
N PRO A 115 15.16 21.13 9.47
CA PRO A 115 15.15 22.19 8.47
C PRO A 115 13.84 22.27 7.72
N TYR A 116 12.89 21.37 7.94
CA TYR A 116 11.64 21.31 7.18
C TYR A 116 10.58 22.18 7.85
N ASP A 117 9.82 22.88 7.04
CA ASP A 117 8.68 23.64 7.51
C ASP A 117 7.62 22.67 8.04
N PRO A 118 6.80 23.09 9.01
CA PRO A 118 5.72 22.19 9.45
C PRO A 118 4.79 21.74 8.34
N LYS A 119 4.66 22.54 7.30
CA LYS A 119 3.68 22.28 6.25
C LYS A 119 4.16 21.35 5.15
N GLU A 120 5.39 20.80 5.25
CA GLU A 120 5.91 19.97 4.18
C GLU A 120 6.35 18.60 4.68
N ASP A 121 6.37 17.67 3.72
CA ASP A 121 6.90 16.33 4.01
C ASP A 121 8.30 16.47 4.59
N THR A 122 8.61 15.63 5.56
CA THR A 122 9.85 15.77 6.33
C THR A 122 10.64 14.47 6.27
N TRP A 123 11.96 14.55 6.20
CA TRP A 123 12.83 13.37 6.10
C TRP A 123 13.71 13.29 7.33
N PHE A 124 13.89 12.08 7.85
CA PHE A 124 14.76 11.88 9.00
C PHE A 124 15.14 10.42 9.09
N LYS A 125 16.17 10.15 9.89
CA LYS A 125 16.54 8.78 10.22
C LYS A 125 15.93 8.44 11.57
N MET A 126 15.26 7.31 11.64
CA MET A 126 14.82 6.78 12.93
C MET A 126 15.88 5.86 13.50
N LYS A 127 15.90 5.77 14.84
CA LYS A 127 16.85 4.96 15.58
C LYS A 127 16.07 3.90 16.35
N VAL A 128 16.54 2.67 16.28
CA VAL A 128 15.85 1.57 16.95
C VAL A 128 15.62 1.91 18.42
N GLY A 129 14.37 1.73 18.88
CA GLY A 129 14.03 1.83 20.27
C GLY A 129 13.63 3.22 20.73
N ASP A 130 13.74 4.24 19.86
CA ASP A 130 13.46 5.62 20.26
C ASP A 130 12.12 6.09 19.69
N GLN A 131 11.12 6.15 20.57
CA GLN A 131 9.78 6.50 20.12
C GLN A 131 9.75 7.96 19.71
N ILE A 132 9.08 8.24 18.60
CA ILE A 132 8.82 9.59 18.18
C ILE A 132 7.32 9.84 18.21
N SER A 133 6.95 11.12 18.35
CA SER A 133 5.56 11.50 18.41
CA SER A 133 5.55 11.52 18.41
C SER A 133 5.29 12.61 17.41
N VAL A 134 4.34 12.39 16.53
CA VAL A 134 4.05 13.36 15.48
C VAL A 134 2.63 13.85 15.66
N THR A 135 2.46 15.17 15.81
CA THR A 135 1.14 15.77 15.93
C THR A 135 0.80 16.48 14.65
N TYR A 136 -0.35 16.15 14.09
CA TYR A 136 -0.82 16.71 12.83
C TYR A 136 -2.02 17.58 13.10
N ASP A 137 -1.99 18.81 12.63
CA ASP A 137 -3.18 19.64 12.75
C ASP A 137 -3.45 20.36 11.45
N ASN A 138 -4.45 21.26 11.47
CA ASN A 138 -5.12 21.72 10.23
C ASN A 138 -5.78 20.53 9.52
N ILE A 139 -6.70 19.90 10.25
CA ILE A 139 -7.47 18.72 9.78
C ILE A 139 -8.84 19.25 9.39
N VAL A 140 -9.17 19.08 8.09
CA VAL A 140 -10.30 19.79 7.52
C VAL A 140 -11.40 18.91 7.00
N ASN A 141 -11.14 17.62 6.75
CA ASN A 141 -12.07 16.72 6.03
C ASN A 141 -12.50 15.53 6.85
N SER A 142 -12.05 15.38 8.09
CA SER A 142 -12.13 14.11 8.77
C SER A 142 -13.08 14.16 9.98
N LYS A 143 -13.68 13.00 10.29
CA LYS A 143 -14.58 12.91 11.45
C LYS A 143 -14.61 11.48 11.91
N TYR A 144 -15.10 11.28 13.13
CA TYR A 144 -15.37 9.93 13.65
C TYR A 144 -16.73 9.98 14.34
N ASN A 145 -17.66 9.16 13.88
CA ASN A 145 -19.02 9.13 14.47
C ASN A 145 -19.55 10.56 14.65
N ASP A 146 -19.44 11.35 13.60
CA ASP A 146 -19.96 12.72 13.60
C ASP A 146 -19.22 13.68 14.54
N LYS A 147 -18.09 13.29 15.09
CA LYS A 147 -17.20 14.21 15.80
C LYS A 147 -16.15 14.65 14.79
N LYS A 148 -16.15 15.93 14.45
CA LYS A 148 -15.10 16.42 13.57
C LYS A 148 -13.75 16.26 14.29
N ILE A 149 -12.75 15.87 13.53
CA ILE A 149 -11.41 15.64 14.05
C ILE A 149 -10.58 16.91 13.86
N SER A 150 -9.96 17.37 14.96
CA SER A 150 -9.18 18.62 14.93
C SER A 150 -7.69 18.38 14.84
N LYS A 151 -7.23 17.19 15.15
CA LYS A 151 -5.81 16.92 15.33
C LYS A 151 -5.65 15.43 15.37
N VAL A 152 -4.49 14.94 14.97
CA VAL A 152 -4.16 13.53 15.04
C VAL A 152 -2.78 13.46 15.66
N LYS A 153 -2.56 12.50 16.57
CA LYS A 153 -1.22 12.20 17.05
C LYS A 153 -0.88 10.78 16.62
N ILE A 154 0.30 10.61 16.04
CA ILE A 154 0.79 9.28 15.71
C ILE A 154 2.15 9.12 16.33
N ASN A 155 2.30 8.06 17.15
CA ASN A 155 3.60 7.68 17.67
C ASN A 155 4.15 6.56 16.81
N TYR A 156 5.46 6.62 16.56
CA TYR A 156 6.16 5.62 15.77
C TYR A 156 7.41 5.19 16.52
N THR A 157 7.68 3.88 16.51
CA THR A 157 8.91 3.34 17.12
C THR A 157 9.50 2.31 16.16
N LEU A 158 10.76 2.52 15.79
CA LEU A 158 11.46 1.52 14.97
C LEU A 158 11.97 0.42 15.90
N ASN A 159 11.53 -0.83 15.69
CA ASN A 159 11.93 -1.91 16.59
C ASN A 159 13.15 -2.66 16.07
N SER A 160 13.38 -2.64 14.77
CA SER A 160 14.50 -3.33 14.12
C SER A 160 14.67 -2.77 12.72
N SER A 161 15.86 -3.00 12.16
CA SER A 161 16.15 -2.59 10.77
C SER A 161 16.79 -3.76 10.02
N THR A 162 16.82 -3.63 8.69
CA THR A 162 17.57 -4.52 7.84
C THR A 162 19.05 -4.11 7.69
N ASN A 163 19.42 -2.91 8.17
CA ASN A 163 20.82 -2.55 8.11
C ASN A 163 21.52 -2.92 9.42
N ASN A 164 22.81 -2.62 9.50
CA ASN A 164 23.60 -2.96 10.69
C ASN A 164 23.89 -1.73 11.55
N GLU A 165 23.04 -0.71 11.43
CA GLU A 165 23.22 0.55 12.15
CA GLU A 165 23.22 0.55 12.15
C GLU A 165 22.04 0.88 13.03
N GLY A 166 21.05 -0.01 13.14
CA GLY A 166 19.89 0.28 13.99
C GLY A 166 19.13 1.50 13.55
N SER A 167 19.00 1.69 12.22
CA SER A 167 18.44 2.93 11.71
C SER A 167 17.63 2.63 10.45
N ALA A 168 16.78 3.59 10.09
CA ALA A 168 16.09 3.51 8.82
C ALA A 168 15.78 4.95 8.40
N LEU A 169 15.76 5.17 7.10
CA LEU A 169 15.42 6.48 6.55
C LEU A 169 13.91 6.57 6.35
N VAL A 170 13.34 7.73 6.70
CA VAL A 170 11.90 7.94 6.68
C VAL A 170 11.57 9.20 5.92
N ASN A 171 10.59 9.10 5.03
CA ASN A 171 9.88 10.25 4.47
C ASN A 171 8.52 10.26 5.16
N LEU A 172 8.32 11.25 6.04
CA LEU A 172 7.11 11.38 6.81
C LEU A 172 6.22 12.40 6.12
N PHE A 173 5.07 11.96 5.63
CA PHE A 173 4.19 12.88 4.89
C PHE A 173 3.48 13.83 5.81
N HIS A 174 3.30 15.08 5.37
CA HIS A 174 2.58 16.02 6.24
C HIS A 174 1.10 15.65 6.32
N ASP A 175 0.57 14.94 5.31
CA ASP A 175 -0.79 14.42 5.36
C ASP A 175 -0.77 13.07 6.09
N PRO A 176 -1.36 12.97 7.29
CA PRO A 176 -1.22 11.73 8.08
C PRO A 176 -1.91 10.54 7.43
N THR A 177 -2.82 10.75 6.49
CA THR A 177 -3.46 9.62 5.81
C THR A 177 -2.51 8.94 4.85
N LYS A 178 -1.33 9.55 4.57
CA LYS A 178 -0.30 8.91 3.75
C LYS A 178 0.75 8.24 4.63
N THR A 179 0.78 8.55 5.93
CA THR A 179 1.61 7.88 6.93
C THR A 179 3.10 7.99 6.62
N ILE A 180 3.80 6.88 6.31
CA ILE A 180 5.25 6.93 6.26
C ILE A 180 5.77 6.04 5.14
N PHE A 181 6.87 6.49 4.54
CA PHE A 181 7.65 5.68 3.60
C PHE A 181 9.00 5.46 4.27
N ILE A 182 9.35 4.21 4.54
CA ILE A 182 10.55 3.88 5.33
C ILE A 182 11.39 2.85 4.58
N GLY A 183 12.71 2.95 4.74
CA GLY A 183 13.56 1.94 4.12
C GLY A 183 14.97 1.98 4.66
N ALA A 184 15.76 0.97 4.30
CA ALA A 184 17.15 0.87 4.71
C ALA A 184 17.85 -0.11 3.79
N GLN A 185 19.18 -0.06 3.80
CA GLN A 185 19.94 -1.13 3.14
C GLN A 185 19.58 -2.47 3.78
N THR A 186 19.66 -3.56 2.99
CA THR A 186 19.61 -4.90 3.53
C THR A 186 21.06 -5.36 3.65
N SER A 187 21.60 -5.23 4.85
CA SER A 187 23.04 -5.38 5.01
C SER A 187 23.50 -6.83 5.04
N ASN A 188 22.63 -7.76 5.44
CA ASN A 188 23.04 -9.15 5.66
C ASN A 188 22.32 -10.09 4.71
N ALA A 189 23.00 -11.20 4.40
CA ALA A 189 22.37 -12.31 3.70
C ALA A 189 21.47 -13.10 4.65
N GLY A 190 20.59 -13.92 4.09
CA GLY A 190 19.80 -14.86 4.86
C GLY A 190 18.34 -14.50 5.02
N ARG A 191 17.90 -13.35 4.53
CA ARG A 191 16.46 -13.05 4.40
C ARG A 191 15.73 -12.94 5.73
N ASN A 192 16.45 -12.75 6.84
CA ASN A 192 15.82 -12.87 8.14
C ASN A 192 15.82 -11.60 9.00
N ASP A 193 16.33 -10.49 8.49
CA ASP A 193 16.15 -9.22 9.20
C ASP A 193 14.91 -8.52 8.64
N LYS A 194 14.42 -7.54 9.39
CA LYS A 194 13.22 -6.82 8.95
C LYS A 194 13.29 -5.40 9.46
N ILE A 195 12.57 -4.51 8.77
CA ILE A 195 12.20 -3.23 9.33
C ILE A 195 10.87 -3.47 10.05
N SER A 196 10.79 -3.05 11.30
CA SER A 196 9.59 -3.23 12.12
C SER A 196 9.28 -1.90 12.78
N VAL A 197 8.02 -1.45 12.65
CA VAL A 197 7.62 -0.15 13.23
C VAL A 197 6.32 -0.36 14.00
N THR A 198 6.32 0.00 15.28
CA THR A 198 5.10 0.04 16.06
C THR A 198 4.53 1.44 16.01
N MET A 199 3.22 1.52 15.79
CA MET A 199 2.54 2.80 15.68
C MET A 199 1.31 2.80 16.57
N GLN A 200 0.91 4.02 16.94
CA GLN A 200 -0.36 4.21 17.62
C GLN A 200 -0.94 5.54 17.18
N ILE A 201 -2.22 5.56 16.79
CA ILE A 201 -2.91 6.76 16.30
C ILE A 201 -3.94 7.19 17.31
N ILE A 202 -3.96 8.49 17.60
CA ILE A 202 -4.99 9.06 18.48
C ILE A 202 -5.64 10.21 17.70
N PHE A 203 -6.98 10.19 17.65
CA PHE A 203 -7.75 11.26 17.04
C PHE A 203 -8.29 12.17 18.13
N TYR A 204 -8.38 13.47 17.85
CA TYR A 204 -8.89 14.43 18.83
C TYR A 204 -10.11 15.14 18.27
N ASP A 205 -11.07 15.43 19.17
CA ASP A 205 -12.26 16.16 18.81
C ASP A 205 -12.01 17.67 18.82
N GLU A 206 -13.06 18.45 18.53
CA GLU A 206 -12.87 19.89 18.37
C GLU A 206 -12.55 20.57 19.67
N ASN A 207 -12.87 19.94 20.79
CA ASN A 207 -12.50 20.50 22.09
C ASN A 207 -11.11 20.05 22.54
N GLY A 208 -10.41 19.29 21.70
CA GLY A 208 -9.07 18.87 22.04
C GLY A 208 -8.97 17.61 22.86
N ASN A 209 -10.07 16.90 23.06
CA ASN A 209 -9.99 15.64 23.81
C ASN A 209 -9.82 14.46 22.89
N GLU A 210 -9.13 13.45 23.40
CA GLU A 210 -8.97 12.21 22.65
C GLU A 210 -10.33 11.56 22.42
N ILE A 211 -10.52 10.99 21.25
CA ILE A 211 -11.78 10.37 20.89
C ILE A 211 -11.75 8.88 21.24
N ASP A 212 -12.75 8.45 22.02
CA ASP A 212 -12.91 7.05 22.38
C ASP A 212 -13.40 6.24 21.18
N LEU A 213 -12.64 5.22 20.80
CA LEU A 213 -12.94 4.37 19.64
C LEU A 213 -13.67 3.09 20.03
N SER A 214 -14.14 2.98 21.28
CA SER A 214 -14.73 1.75 21.82
CA SER A 214 -14.65 1.66 21.68
C SER A 214 -16.07 1.38 21.20
N GLY A 215 -16.68 2.24 20.40
CA GLY A 215 -17.85 1.86 19.63
C GLY A 215 -17.50 0.97 18.45
N ASN A 216 -16.21 0.78 18.18
CA ASN A 216 -15.78 -0.14 17.14
C ASN A 216 -16.20 0.29 15.76
N ASN A 217 -16.24 1.62 15.53
CA ASN A 217 -16.62 2.16 14.22
C ASN A 217 -15.43 2.68 13.42
N ALA A 218 -14.19 2.53 13.90
CA ALA A 218 -13.04 3.02 13.12
C ALA A 218 -12.52 1.85 12.30
N ILE A 219 -12.94 1.77 11.04
CA ILE A 219 -12.46 0.70 10.16
C ILE A 219 -11.32 1.30 9.35
N MET A 220 -10.14 0.72 9.44
CA MET A 220 -8.96 1.29 8.82
C MET A 220 -8.33 0.30 7.85
N SER A 221 -7.72 0.84 6.83
CA SER A 221 -7.13 0.04 5.77
C SER A 221 -5.77 -0.49 6.17
N LEU A 222 -5.45 -1.69 5.70
CA LEU A 222 -4.11 -2.26 5.75
C LEU A 222 -3.87 -2.82 4.34
N SER A 223 -3.77 -1.89 3.39
CA SER A 223 -3.64 -2.24 2.00
C SER A 223 -2.17 -2.49 1.62
N SER A 224 -1.99 -3.01 0.41
CA SER A 224 -0.67 -3.07 -0.18
C SER A 224 0.32 -3.90 0.68
N LEU A 225 -0.14 -5.10 1.09
CA LEU A 225 0.74 -6.01 1.83
C LEU A 225 1.37 -6.97 0.83
N ASN A 226 2.42 -6.49 0.17
CA ASN A 226 3.04 -7.27 -0.90
C ASN A 226 3.82 -8.46 -0.37
N HIS A 227 3.75 -9.56 -1.12
CA HIS A 227 4.65 -10.68 -0.91
C HIS A 227 5.15 -11.05 -2.30
N TRP A 228 6.42 -10.82 -2.56
CA TRP A 228 7.02 -11.23 -3.83
C TRP A 228 8.20 -12.17 -3.55
N THR A 229 8.36 -13.16 -4.42
CA THR A 229 9.43 -14.14 -4.29
C THR A 229 10.17 -14.20 -5.61
N THR A 230 11.43 -13.77 -5.59
CA THR A 230 12.24 -13.80 -6.80
C THR A 230 13.65 -14.18 -6.39
N LYS A 231 14.54 -14.24 -7.38
CA LYS A 231 15.95 -14.47 -7.12
C LYS A 231 16.53 -13.47 -6.13
N TYR A 232 15.91 -12.31 -5.99
CA TYR A 232 16.43 -11.25 -5.15
C TYR A 232 15.75 -11.15 -3.79
N GLY A 233 14.84 -12.07 -3.45
CA GLY A 233 14.30 -12.05 -2.10
C GLY A 233 13.00 -12.81 -1.98
N ASP A 234 12.61 -13.05 -0.71
CA ASP A 234 11.28 -13.53 -0.38
C ASP A 234 10.72 -12.41 0.52
N HIS A 235 10.26 -11.35 -0.13
CA HIS A 235 9.90 -10.08 0.50
C HIS A 235 8.45 -10.15 0.95
N VAL A 236 8.20 -9.99 2.24
CA VAL A 236 6.85 -10.10 2.79
C VAL A 236 6.58 -8.90 3.69
N GLU A 237 5.41 -8.28 3.49
CA GLU A 237 4.93 -7.18 4.32
C GLU A 237 3.83 -7.73 5.22
N LYS A 238 3.92 -7.42 6.51
CA LYS A 238 3.05 -8.00 7.54
C LYS A 238 2.59 -6.93 8.52
N VAL A 239 1.43 -7.19 9.15
CA VAL A 239 0.97 -6.34 10.24
C VAL A 239 0.60 -7.22 11.43
N ASN A 240 1.11 -6.90 12.61
CA ASN A 240 0.65 -7.47 13.86
C ASN A 240 -0.36 -6.49 14.44
N LEU A 241 -1.62 -6.89 14.50
CA LEU A 241 -2.68 -5.95 14.87
C LEU A 241 -2.77 -5.73 16.38
N GLY A 242 -2.05 -6.48 17.19
CA GLY A 242 -2.15 -6.23 18.62
C GLY A 242 -3.57 -6.51 19.08
N ASP A 243 -4.09 -5.62 19.90
CA ASP A 243 -5.46 -5.70 20.39
C ASP A 243 -6.53 -5.19 19.42
N ASN A 244 -6.12 -4.73 18.25
CA ASN A 244 -7.10 -4.35 17.21
C ASN A 244 -7.57 -5.62 16.51
N GLU A 245 -8.66 -5.51 15.76
CA GLU A 245 -9.35 -6.69 15.21
C GLU A 245 -9.22 -6.76 13.71
N PHE A 246 -8.81 -7.93 13.19
CA PHE A 246 -8.68 -8.11 11.74
C PHE A 246 -10.05 -8.16 11.09
N VAL A 247 -10.19 -7.48 9.95
CA VAL A 247 -11.33 -7.60 9.07
C VAL A 247 -10.83 -8.17 7.75
N LYS A 248 -11.23 -9.42 7.45
CA LYS A 248 -10.80 -10.10 6.24
C LYS A 248 -11.51 -9.48 5.04
N ILE A 249 -10.76 -9.26 3.95
CA ILE A 249 -11.31 -8.72 2.72
C ILE A 249 -11.61 -9.89 1.77
N PRO A 250 -12.84 -10.08 1.33
CA PRO A 250 -13.15 -11.25 0.47
C PRO A 250 -12.29 -11.25 -0.79
N GLY A 251 -11.77 -12.43 -1.12
CA GLY A 251 -10.93 -12.60 -2.30
C GLY A 251 -9.51 -12.13 -2.13
N SER A 252 -9.16 -11.55 -0.99
CA SER A 252 -7.79 -11.06 -0.82
C SER A 252 -6.82 -12.21 -0.59
N SER A 253 -5.56 -11.98 -1.00
CA SER A 253 -4.44 -12.86 -0.66
C SER A 253 -4.04 -12.75 0.81
N VAL A 254 -4.53 -11.74 1.53
CA VAL A 254 -4.08 -11.46 2.89
C VAL A 254 -5.02 -12.14 3.89
N ASP A 255 -4.43 -12.88 4.83
CA ASP A 255 -5.22 -13.50 5.87
C ASP A 255 -4.43 -13.48 7.16
N LEU A 256 -5.09 -13.99 8.22
CA LEU A 256 -4.51 -14.08 9.54
C LEU A 256 -3.65 -15.33 9.67
N HIS A 257 -2.43 -15.14 10.16
CA HIS A 257 -1.50 -16.24 10.43
C HIS A 257 -0.96 -16.00 11.83
N GLY A 258 -1.58 -16.66 12.80
CA GLY A 258 -1.24 -16.53 14.18
C GLY A 258 -1.48 -15.13 14.63
N ASN A 259 -0.36 -14.42 14.77
CA ASN A 259 -0.33 -13.10 15.35
C ASN A 259 -0.32 -12.01 14.28
N GLU A 260 -0.16 -12.34 13.01
CA GLU A 260 0.06 -11.32 12.00
C GLU A 260 -0.84 -11.56 10.79
N ILE A 261 -1.11 -10.50 10.04
CA ILE A 261 -1.78 -10.61 8.74
C ILE A 261 -0.77 -10.37 7.65
N TYR A 262 -0.87 -11.16 6.58
CA TYR A 262 -0.02 -11.04 5.42
C TYR A 262 -0.52 -12.04 4.39
N SER A 263 0.07 -11.96 3.20
CA SER A 263 -0.18 -12.94 2.15
C SER A 263 0.81 -14.07 2.32
N ALA A 264 0.31 -15.31 2.59
CA ALA A 264 1.21 -16.43 2.84
C ALA A 264 2.03 -16.77 1.61
N LYS A 265 1.46 -16.61 0.42
CA LYS A 265 2.11 -16.92 -0.84
C LYS A 265 2.37 -15.63 -1.62
N ASP A 266 3.18 -15.73 -2.66
CA ASP A 266 3.44 -14.60 -3.54
C ASP A 266 2.11 -14.07 -4.07
N ASN A 267 1.92 -12.75 -3.96
CA ASN A 267 0.73 -12.11 -4.51
C ASN A 267 1.11 -11.06 -5.53
N GLN A 268 2.36 -11.09 -6.01
CA GLN A 268 2.88 -10.04 -6.89
C GLN A 268 2.96 -10.44 -8.36
N TYR A 269 3.24 -11.71 -8.67
CA TYR A 269 3.44 -12.15 -10.06
C TYR A 269 2.56 -13.33 -10.36
N LYS A 270 1.78 -13.21 -11.44
CA LYS A 270 1.06 -14.37 -11.95
C LYS A 270 2.01 -15.53 -12.21
N ALA A 271 3.24 -15.25 -12.64
CA ALA A 271 4.20 -16.32 -12.91
C ALA A 271 4.52 -17.12 -11.66
N ASN A 272 4.28 -16.54 -10.48
CA ASN A 272 4.51 -17.21 -9.22
C ASN A 272 3.21 -17.67 -8.58
N GLY A 273 2.09 -17.66 -9.33
CA GLY A 273 0.84 -18.13 -8.81
C GLY A 273 -0.14 -17.06 -8.39
N ALA A 274 0.25 -15.78 -8.40
CA ALA A 274 -0.69 -14.74 -8.01
C ALA A 274 -1.84 -14.65 -9.01
N THR A 275 -2.99 -14.17 -8.51
CA THR A 275 -4.16 -14.01 -9.39
C THR A 275 -4.04 -12.81 -10.30
N PHE A 276 -3.40 -11.76 -9.81
CA PHE A 276 -3.21 -10.52 -10.54
C PHE A 276 -1.74 -10.15 -10.43
N ASN A 277 -1.19 -9.49 -11.45
CA ASN A 277 0.14 -8.89 -11.30
C ASN A 277 0.03 -7.60 -10.50
N GLY A 278 1.00 -7.40 -9.62
CA GLY A 278 1.05 -6.19 -8.82
C GLY A 278 1.72 -5.02 -9.50
N ASP A 279 2.68 -5.29 -10.39
CA ASP A 279 3.56 -4.25 -10.94
C ASP A 279 2.88 -3.53 -12.07
N GLY A 280 3.39 -2.33 -12.36
CA GLY A 280 3.04 -1.59 -13.55
C GLY A 280 1.81 -0.72 -13.36
N ALA A 281 1.52 0.06 -14.40
CA ALA A 281 0.38 0.96 -14.34
C ALA A 281 -0.93 0.21 -14.17
N ASP A 282 -1.01 -1.01 -14.69
CA ASP A 282 -2.23 -1.81 -14.62
C ASP A 282 -2.21 -2.83 -13.49
N GLY A 283 -1.21 -2.81 -12.65
CA GLY A 283 -1.12 -3.81 -11.61
C GLY A 283 -2.00 -3.47 -10.43
N TRP A 284 -2.27 -4.48 -9.61
CA TRP A 284 -3.18 -4.26 -8.47
C TRP A 284 -2.63 -3.27 -7.46
N ASP A 285 -1.31 -3.06 -7.43
CA ASP A 285 -0.66 -2.24 -6.41
C ASP A 285 -0.32 -0.87 -6.94
N ALA A 286 -0.83 -0.51 -8.11
CA ALA A 286 -0.48 0.80 -8.66
C ALA A 286 -1.09 1.90 -7.79
N VAL A 287 -0.32 2.96 -7.58
CA VAL A 287 -0.77 4.04 -6.72
C VAL A 287 -0.43 5.37 -7.35
N ASN A 288 -1.21 6.39 -7.02
CA ASN A 288 -0.88 7.74 -7.40
C ASN A 288 0.09 8.33 -6.38
N ALA A 289 0.57 9.56 -6.65
CA ALA A 289 1.42 10.25 -5.68
C ALA A 289 0.68 10.52 -4.38
N ASP A 290 -0.64 10.71 -4.45
CA ASP A 290 -1.43 10.94 -3.25
CA ASP A 290 -1.46 10.93 -3.28
C ASP A 290 -1.56 9.69 -2.39
N GLY A 291 -1.09 8.53 -2.87
CA GLY A 291 -1.29 7.27 -2.19
C GLY A 291 -2.60 6.58 -2.54
N THR A 292 -3.46 7.23 -3.31
CA THR A 292 -4.73 6.60 -3.68
C THR A 292 -4.44 5.42 -4.60
N PRO A 293 -5.11 4.28 -4.39
CA PRO A 293 -4.94 3.16 -5.33
C PRO A 293 -5.49 3.54 -6.69
N ARG A 294 -4.74 3.15 -7.72
CA ARG A 294 -5.23 3.30 -9.08
C ARG A 294 -6.12 2.15 -9.52
N ALA A 295 -6.01 0.97 -8.88
CA ALA A 295 -6.56 -0.28 -9.42
C ALA A 295 -7.82 -0.74 -8.70
N ALA A 296 -8.84 -1.16 -9.46
CA ALA A 296 -10.00 -1.81 -8.85
C ALA A 296 -9.63 -3.13 -8.18
N THR A 297 -8.49 -3.72 -8.51
CA THR A 297 -8.04 -4.96 -7.90
C THR A 297 -7.16 -4.74 -6.65
N ALA A 298 -7.08 -3.51 -6.13
CA ALA A 298 -6.27 -3.27 -4.93
C ALA A 298 -6.66 -4.19 -3.77
N TYR A 299 -7.93 -4.59 -3.69
CA TYR A 299 -8.39 -5.46 -2.59
C TYR A 299 -7.55 -6.72 -2.51
N TYR A 300 -6.98 -7.15 -3.65
CA TYR A 300 -6.31 -8.43 -3.65
C TYR A 300 -5.11 -8.46 -2.72
N GLY A 301 -4.48 -7.31 -2.49
CA GLY A 301 -3.33 -7.26 -1.61
C GLY A 301 -3.65 -6.63 -0.26
N ALA A 302 -4.92 -6.59 0.14
CA ALA A 302 -5.31 -5.76 1.28
C ALA A 302 -5.92 -6.54 2.42
N GLY A 303 -5.71 -6.03 3.63
CA GLY A 303 -6.50 -6.36 4.80
C GLY A 303 -7.13 -5.09 5.34
N ALA A 304 -7.78 -5.21 6.49
CA ALA A 304 -8.34 -4.07 7.19
C ALA A 304 -8.42 -4.43 8.66
N MET A 305 -8.74 -3.42 9.48
CA MET A 305 -8.88 -3.64 10.91
C MET A 305 -10.02 -2.80 11.45
N THR A 306 -10.64 -3.29 12.53
CA THR A 306 -11.35 -2.41 13.46
C THR A 306 -10.31 -1.88 14.41
N TYR A 307 -9.98 -0.62 14.25
CA TYR A 307 -8.94 0.02 15.04
C TYR A 307 -9.54 0.51 16.34
N LYS A 308 -9.01 -0.01 17.45
CA LYS A 308 -9.56 0.24 18.78
C LYS A 308 -8.70 1.23 19.57
N GLY A 309 -7.73 1.85 18.93
CA GLY A 309 -6.92 2.83 19.62
C GLY A 309 -5.66 2.29 20.25
N GLU A 310 -5.30 1.07 19.99
CA GLU A 310 -4.16 0.42 20.62
C GLU A 310 -3.04 0.22 19.61
N PRO A 311 -1.79 0.07 20.07
CA PRO A 311 -0.66 0.00 19.10
C PRO A 311 -0.74 -1.24 18.19
N PHE A 312 -0.15 -1.07 17.03
CA PHE A 312 0.00 -2.15 16.07
C PHE A 312 1.36 -2.01 15.42
N THR A 313 1.84 -3.06 14.77
CA THR A 313 3.20 -3.06 14.24
C THR A 313 3.23 -3.58 12.81
N PHE A 314 3.86 -2.85 11.91
CA PHE A 314 4.06 -3.36 10.56
C PHE A 314 5.51 -3.77 10.39
N THR A 315 5.72 -4.78 9.55
CA THR A 315 7.07 -5.23 9.26
C THR A 315 7.25 -5.51 7.78
N VAL A 316 8.50 -5.41 7.33
CA VAL A 316 8.87 -5.78 5.97
C VAL A 316 10.25 -6.39 6.03
N GLY A 317 10.43 -7.52 5.35
CA GLY A 317 11.73 -8.17 5.34
C GLY A 317 11.74 -9.27 4.30
N GLY A 318 12.90 -9.90 4.16
CA GLY A 318 13.05 -11.02 3.22
C GLY A 318 13.88 -10.72 1.98
N ASN A 319 14.27 -9.46 1.75
CA ASN A 319 15.12 -9.16 0.59
C ASN A 319 16.48 -9.82 0.77
N ASP A 320 17.13 -10.11 -0.36
CA ASP A 320 18.52 -10.51 -0.31
C ASP A 320 19.43 -9.33 0.06
N GLN A 321 20.61 -9.70 0.52
CA GLN A 321 21.65 -8.73 0.82
C GLN A 321 21.86 -7.78 -0.36
N ASN A 322 22.02 -6.49 -0.04
CA ASN A 322 22.32 -5.45 -1.02
C ASN A 322 21.12 -4.98 -1.83
N LEU A 323 19.92 -5.49 -1.58
CA LEU A 323 18.73 -4.91 -2.21
C LEU A 323 17.97 -4.19 -1.12
N PRO A 324 18.00 -2.87 -1.07
CA PRO A 324 17.40 -2.13 0.05
C PRO A 324 15.94 -2.49 0.26
N THR A 325 15.55 -2.56 1.53
CA THR A 325 14.19 -2.91 1.93
C THR A 325 13.39 -1.63 2.11
N THR A 326 12.22 -1.54 1.49
CA THR A 326 11.35 -0.36 1.60
C THR A 326 9.92 -0.79 1.80
N ILE A 327 9.12 0.11 2.36
CA ILE A 327 7.67 -0.02 2.39
C ILE A 327 7.08 1.36 2.51
N TRP A 328 6.00 1.61 1.75
CA TRP A 328 5.15 2.77 1.96
C TRP A 328 3.96 2.25 2.74
N PHE A 329 3.97 2.44 4.06
CA PHE A 329 2.87 1.94 4.88
C PHE A 329 1.94 3.10 5.15
N ALA A 330 0.70 2.96 4.73
CA ALA A 330 -0.32 3.95 5.00
C ALA A 330 -1.49 3.25 5.65
N THR A 331 -2.16 3.95 6.55
CA THR A 331 -3.45 3.45 7.03
C THR A 331 -4.39 4.64 7.17
N ASN A 332 -5.63 4.43 6.79
CA ASN A 332 -6.62 5.50 6.67
C ASN A 332 -7.97 4.80 6.57
N SER A 333 -9.04 5.54 6.30
CA SER A 333 -10.37 4.92 6.25
C SER A 333 -10.71 4.36 4.90
N ALA A 334 -9.82 4.46 3.91
CA ALA A 334 -10.14 3.99 2.55
C ALA A 334 -9.78 2.52 2.39
N VAL A 335 -10.63 1.68 2.94
CA VAL A 335 -10.45 0.23 2.83
C VAL A 335 -10.63 -0.20 1.39
N ALA A 336 -9.74 -1.07 0.92
CA ALA A 336 -9.77 -1.62 -0.44
C ALA A 336 -10.65 -2.87 -0.44
N VAL A 337 -11.80 -2.78 -1.11
CA VAL A 337 -12.75 -3.89 -1.19
C VAL A 337 -12.95 -4.27 -2.64
N PRO A 338 -13.42 -5.47 -2.93
CA PRO A 338 -13.74 -5.82 -4.33
C PRO A 338 -14.82 -4.90 -4.90
N LYS A 339 -14.69 -4.61 -6.19
CA LYS A 339 -15.59 -3.70 -6.88
C LYS A 339 -16.22 -4.45 -8.06
N ASP A 340 -17.18 -3.80 -8.70
CA ASP A 340 -17.88 -4.41 -9.80
C ASP A 340 -16.95 -4.51 -11.01
N PRO A 341 -16.67 -5.71 -11.52
CA PRO A 341 -15.79 -5.82 -12.71
C PRO A 341 -16.49 -5.53 -14.01
N GLY A 342 -17.79 -5.24 -13.99
CA GLY A 342 -18.50 -5.00 -15.23
C GLY A 342 -18.85 -6.30 -15.97
N ALA A 343 -18.88 -6.21 -17.29
CA ALA A 343 -19.30 -7.33 -18.14
C ALA A 343 -18.14 -8.27 -18.38
N LYS A 344 -18.46 -9.56 -18.50
CA LYS A 344 -17.44 -10.55 -18.79
C LYS A 344 -16.74 -10.24 -20.11
N PRO A 345 -15.43 -10.40 -20.17
CA PRO A 345 -14.72 -10.24 -21.44
C PRO A 345 -15.30 -11.13 -22.53
N THR A 346 -15.24 -10.63 -23.74
CA THR A 346 -15.69 -11.36 -24.91
C THR A 346 -14.50 -11.70 -25.81
N PRO A 347 -14.51 -12.87 -26.45
CA PRO A 347 -13.35 -13.29 -27.23
C PRO A 347 -13.22 -12.45 -28.48
N PRO A 348 -12.01 -12.23 -28.97
CA PRO A 348 -11.85 -11.50 -30.23
C PRO A 348 -12.41 -12.28 -31.40
N GLU A 349 -12.89 -11.53 -32.39
CA GLU A 349 -13.35 -12.13 -33.63
CA GLU A 349 -13.35 -12.12 -33.64
C GLU A 349 -12.15 -12.64 -34.42
N LYS A 350 -12.25 -13.87 -34.90
CA LYS A 350 -11.13 -14.45 -35.65
C LYS A 350 -11.05 -13.79 -37.03
N PRO A 351 -9.89 -13.27 -37.44
CA PRO A 351 -9.77 -12.77 -38.81
C PRO A 351 -9.96 -13.89 -39.83
N GLU A 352 -10.65 -13.55 -40.90
CA GLU A 352 -10.86 -14.50 -41.98
C GLU A 352 -10.68 -13.80 -43.31
N LEU A 353 -10.35 -14.61 -44.33
CA LEU A 353 -10.36 -14.16 -45.71
C LEU A 353 -11.65 -14.53 -46.43
N LYS A 354 -12.39 -15.49 -45.94
CA LYS A 354 -13.70 -15.81 -46.50
C LYS A 354 -14.74 -14.73 -46.21
CA CA B . 3.20 -2.32 -0.11
#